data_1Z4X
#
_entry.id   1Z4X
#
_cell.length_a   137.112
_cell.length_b   137.112
_cell.length_c   184.368
_cell.angle_alpha   90.00
_cell.angle_beta   90.00
_cell.angle_gamma   120.00
#
_symmetry.space_group_name_H-M   'P 61 2 2'
#
loop_
_entity.id
_entity.type
_entity.pdbx_description
1 polymer Hemagglutinin-neuraminidase
2 branched 2-acetamido-2-deoxy-beta-D-glucopyranose-(1-4)-2-acetamido-2-deoxy-beta-D-glucopyranose
3 branched 'N-acetyl-alpha-neuraminic acid-(2-3)-beta-D-galactopyranose-(1-4)-alpha-D-glucopyranose'
4 non-polymer 2-acetamido-2-deoxy-beta-D-glucopyranose
5 non-polymer 'CALCIUM ION'
6 water water
#
_entity_poly.entity_id   1
_entity_poly.type   'polypeptide(L)'
_entity_poly.pdbx_seq_one_letter_code
;SPSESLITQKQIMSQAGSTGSNSGLGSITDLLNNILSVANQIIYNSAVALPLQLDTLESTLLTAIKSLQTSDKLEQNCSW
SAALINDNRYINGINQFYFSIAEGRNLTLGPLLNMPSFIPTATTPEGCTRIPSFSLTKTHWCYTHNVILNGCQDHVSSNQ
FVSMGIIEPTSAGFPFFRTLKTLYLSDGVNRKSCSISTVPGGCMMYCFVSTQPERDDYFSAAPPEQRIIIMYYNDTIVER
IINPPGVLDVWATLNPGTGSGVYYLGWVLFPIYGGVIKGTSLWNNQANKYFIPQMVAALCSQNQATQVQNAKSSYYSSWF
GNRMIQSGILACPLRQDLTNECLVLPFSNDQVLMGAEGRLYMYGDSVYYYQRSNSWWPMTMLYKVTITFTNGQPSAISAQ
NVPTQQVPRPGTGDCSATNRCPGFCLTGVYADAWLLTNPSSTSTFGSEATFTGSYLNTATQRINPTMYIANNTQIISSQQ
FGSSGQEAAYGHTTCFRDTGSVMVYCIYIIELSSSLLGQFQIVPFIRQVTLS
;
_entity_poly.pdbx_strand_id   A
#
loop_
_chem_comp.id
_chem_comp.type
_chem_comp.name
_chem_comp.formula
CA non-polymer 'CALCIUM ION' 'Ca 2'
GAL D-saccharide, beta linking beta-D-galactopyranose 'C6 H12 O6'
GLC D-saccharide, alpha linking alpha-D-glucopyranose 'C6 H12 O6'
NAG D-saccharide, beta linking 2-acetamido-2-deoxy-beta-D-glucopyranose 'C8 H15 N O6'
SIA D-saccharide, alpha linking 'N-acetyl-alpha-neuraminic acid' 'C11 H19 N O9'
#
# COMPACT_ATOMS: atom_id res chain seq x y z
N ILE A 85 -10.52 3.27 22.89
CA ILE A 85 -10.96 2.23 21.91
C ILE A 85 -12.05 2.79 21.00
N ASN A 86 -12.21 2.22 19.81
CA ASN A 86 -13.22 2.69 18.87
C ASN A 86 -14.61 2.57 19.48
N ASP A 87 -15.51 3.44 19.05
CA ASP A 87 -16.89 3.45 19.54
C ASP A 87 -17.58 2.13 19.21
N ASN A 88 -18.59 1.77 19.99
CA ASN A 88 -19.34 0.52 19.79
C ASN A 88 -19.91 0.42 18.39
N ARG A 89 -20.06 1.57 17.75
CA ARG A 89 -20.62 1.63 16.41
C ARG A 89 -19.67 1.15 15.33
N TYR A 90 -18.40 0.95 15.67
CA TYR A 90 -17.43 0.52 14.66
C TYR A 90 -16.63 -0.72 15.01
N ILE A 91 -16.55 -1.07 16.30
CA ILE A 91 -15.76 -2.22 16.69
C ILE A 91 -16.06 -3.50 15.92
N ASN A 92 -17.31 -3.66 15.48
CA ASN A 92 -17.67 -4.87 14.74
C ASN A 92 -17.85 -4.67 13.23
N GLY A 93 -17.38 -3.53 12.71
CA GLY A 93 -17.52 -3.29 11.28
C GLY A 93 -16.19 -3.00 10.61
N ILE A 94 -15.13 -3.58 11.15
CA ILE A 94 -13.79 -3.36 10.62
C ILE A 94 -13.14 -4.60 10.02
N ASN A 95 -12.39 -4.39 8.93
CA ASN A 95 -11.69 -5.45 8.21
C ASN A 95 -12.58 -6.62 7.82
N GLN A 96 -13.55 -6.33 6.97
CA GLN A 96 -14.49 -7.35 6.49
C GLN A 96 -14.94 -7.00 5.08
N PHE A 97 -15.57 -7.97 4.41
CA PHE A 97 -16.14 -7.75 3.09
C PHE A 97 -17.54 -7.30 3.50
N TYR A 98 -17.91 -6.08 3.16
CA TYR A 98 -19.19 -5.53 3.57
C TYR A 98 -20.41 -5.88 2.74
N PHE A 99 -20.21 -6.19 1.46
CA PHE A 99 -21.34 -6.48 0.59
C PHE A 99 -21.28 -7.83 -0.10
N SER A 100 -22.45 -8.34 -0.47
CA SER A 100 -22.56 -9.61 -1.18
C SER A 100 -22.30 -9.31 -2.65
N ILE A 101 -22.07 -10.35 -3.45
CA ILE A 101 -21.81 -10.16 -4.86
C ILE A 101 -22.97 -9.39 -5.48
N ALA A 102 -24.20 -9.82 -5.17
CA ALA A 102 -25.39 -9.17 -5.71
C ALA A 102 -25.47 -7.69 -5.36
N GLU A 103 -25.16 -7.33 -4.12
CA GLU A 103 -25.21 -5.94 -3.69
C GLU A 103 -24.12 -5.09 -4.32
N GLY A 104 -22.99 -5.71 -4.62
CA GLY A 104 -21.88 -4.98 -5.22
C GLY A 104 -22.23 -4.32 -6.54
N ARG A 105 -23.19 -4.89 -7.26
CA ARG A 105 -23.59 -4.35 -8.55
C ARG A 105 -24.35 -3.03 -8.43
N ASN A 106 -24.91 -2.77 -7.24
CA ASN A 106 -25.70 -1.57 -7.05
C ASN A 106 -25.09 -0.55 -6.08
N LEU A 107 -23.77 -0.47 -6.07
CA LEU A 107 -23.09 0.46 -5.18
C LEU A 107 -22.69 1.77 -5.87
N THR A 108 -22.85 2.87 -5.14
CA THR A 108 -22.54 4.20 -5.62
C THR A 108 -21.86 5.04 -4.51
N LEU A 109 -21.04 6.03 -4.89
CA LEU A 109 -20.34 6.90 -3.91
C LEU A 109 -21.18 8.11 -3.47
N GLY A 110 -21.39 8.28 -2.18
CA GLY A 110 -22.17 9.43 -1.73
C GLY A 110 -21.33 10.70 -1.67
N PRO A 111 -21.94 11.88 -1.42
CA PRO A 111 -21.15 13.10 -1.32
C PRO A 111 -20.03 13.04 -0.30
N LEU A 112 -19.00 13.85 -0.53
CA LEU A 112 -17.90 13.90 0.40
C LEU A 112 -18.48 14.56 1.65
N LEU A 113 -18.08 14.06 2.81
CA LEU A 113 -18.56 14.60 4.07
C LEU A 113 -17.45 15.36 4.77
N ASN A 114 -17.81 16.41 5.51
CA ASN A 114 -16.81 17.21 6.19
C ASN A 114 -16.57 16.85 7.64
N MET A 115 -15.36 16.42 7.93
CA MET A 115 -14.96 16.08 9.28
C MET A 115 -13.61 16.74 9.54
N PRO A 116 -13.25 16.96 10.81
CA PRO A 116 -11.95 17.59 11.09
C PRO A 116 -10.85 16.63 10.67
N SER A 117 -9.96 17.08 9.79
CA SER A 117 -8.87 16.23 9.34
C SER A 117 -7.92 15.87 10.45
N PHE A 118 -7.52 14.60 10.51
CA PHE A 118 -6.58 14.14 11.53
C PHE A 118 -5.16 14.11 10.96
N ILE A 119 -5.01 14.51 9.70
CA ILE A 119 -3.69 14.53 9.05
C ILE A 119 -3.19 15.97 9.05
N PRO A 120 -2.07 16.23 9.72
CA PRO A 120 -1.48 17.58 9.81
C PRO A 120 -0.97 18.17 8.51
N THR A 121 -1.20 19.46 8.38
CA THR A 121 -0.82 20.27 7.22
C THR A 121 0.55 20.94 7.42
N ALA A 122 1.18 21.34 6.32
CA ALA A 122 2.48 22.02 6.39
C ALA A 122 2.19 23.49 6.72
N THR A 123 3.17 24.21 7.25
CA THR A 123 2.95 25.62 7.59
C THR A 123 3.81 26.59 6.78
N THR A 124 4.42 26.10 5.71
CA THR A 124 5.21 26.95 4.82
C THR A 124 4.84 26.53 3.41
N PRO A 125 5.03 27.43 2.44
CA PRO A 125 4.68 27.10 1.05
C PRO A 125 5.51 25.94 0.49
N GLU A 126 6.75 25.84 0.94
CA GLU A 126 7.64 24.79 0.43
C GLU A 126 7.70 23.51 1.27
N GLY A 127 7.11 23.52 2.45
CA GLY A 127 7.12 22.33 3.29
C GLY A 127 6.51 21.15 2.54
N CYS A 128 7.10 19.96 2.71
CA CYS A 128 6.61 18.77 2.03
C CYS A 128 6.18 17.63 2.93
N THR A 129 4.90 17.26 2.84
CA THR A 129 4.36 16.14 3.60
C THR A 129 3.96 15.07 2.59
N ARG A 130 4.58 13.90 2.67
CA ARG A 130 4.27 12.83 1.73
C ARG A 130 4.41 11.43 2.31
N ILE A 131 4.03 10.45 1.50
CA ILE A 131 4.13 9.04 1.86
C ILE A 131 3.36 8.65 3.12
N PRO A 132 2.02 8.72 3.06
CA PRO A 132 1.23 8.36 4.23
C PRO A 132 1.12 6.85 4.37
N SER A 133 0.78 6.40 5.57
CA SER A 133 0.56 4.99 5.85
C SER A 133 -0.54 5.01 6.88
N PHE A 134 -1.57 4.19 6.68
CA PHE A 134 -2.71 4.18 7.58
C PHE A 134 -3.17 2.77 7.90
N SER A 135 -3.32 2.49 9.18
CA SER A 135 -3.77 1.18 9.62
C SER A 135 -4.96 1.34 10.55
N LEU A 136 -6.04 0.62 10.26
CA LEU A 136 -7.22 0.70 11.11
C LEU A 136 -7.61 -0.69 11.57
N THR A 137 -7.79 -0.84 12.87
CA THR A 137 -8.15 -2.13 13.43
C THR A 137 -9.33 -1.99 14.38
N LYS A 138 -9.84 -3.11 14.86
CA LYS A 138 -10.98 -3.13 15.77
C LYS A 138 -10.91 -2.08 16.89
N THR A 139 -9.77 -2.00 17.56
CA THR A 139 -9.63 -1.06 18.67
C THR A 139 -9.26 0.38 18.32
N HIS A 140 -8.40 0.57 17.33
CA HIS A 140 -7.99 1.91 17.00
C HIS A 140 -7.28 2.02 15.65
N TRP A 141 -6.84 3.23 15.31
CA TRP A 141 -6.12 3.46 14.06
C TRP A 141 -4.75 4.10 14.30
N CYS A 142 -3.85 3.90 13.35
CA CYS A 142 -2.51 4.47 13.38
C CYS A 142 -2.27 5.19 12.06
N TYR A 143 -1.65 6.36 12.13
CA TYR A 143 -1.35 7.13 10.94
C TYR A 143 0.04 7.74 10.99
N THR A 144 0.67 7.86 9.83
CA THR A 144 2.01 8.42 9.76
C THR A 144 2.33 8.93 8.35
N HIS A 145 3.24 9.90 8.27
CA HIS A 145 3.70 10.41 6.99
C HIS A 145 5.04 11.13 7.15
N ASN A 146 5.76 11.26 6.05
CA ASN A 146 7.06 11.89 6.07
C ASN A 146 6.99 13.41 5.90
N VAL A 147 7.86 14.12 6.61
CA VAL A 147 7.90 15.57 6.52
C VAL A 147 9.30 16.06 6.17
N ILE A 148 9.40 16.80 5.09
CA ILE A 148 10.68 17.37 4.66
C ILE A 148 10.46 18.87 4.69
N LEU A 149 11.39 19.59 5.32
CA LEU A 149 11.24 21.04 5.45
C LEU A 149 11.23 21.87 4.16
N ASN A 150 12.11 21.54 3.21
CA ASN A 150 12.14 22.31 1.98
C ASN A 150 12.04 21.44 0.74
N GLY A 151 10.90 21.50 0.06
CA GLY A 151 10.72 20.69 -1.13
C GLY A 151 10.54 19.23 -0.79
N CYS A 152 10.29 18.41 -1.79
CA CYS A 152 10.07 16.98 -1.57
C CYS A 152 11.24 16.04 -1.89
N GLN A 153 12.47 16.53 -1.78
CA GLN A 153 13.64 15.71 -2.07
C GLN A 153 14.73 15.87 -1.01
N ASP A 154 15.17 14.78 -0.38
CA ASP A 154 16.22 14.87 0.64
C ASP A 154 16.70 13.46 0.99
N HIS A 155 18.01 13.23 0.97
CA HIS A 155 18.50 11.91 1.33
C HIS A 155 19.34 12.09 2.57
N VAL A 156 18.92 13.03 3.42
CA VAL A 156 19.69 13.33 4.60
C VAL A 156 18.84 13.60 5.82
N SER A 157 17.93 14.55 5.66
CA SER A 157 17.07 14.89 6.77
C SER A 157 15.62 14.87 6.37
N SER A 158 14.83 14.50 7.36
CA SER A 158 13.39 14.44 7.23
C SER A 158 12.92 13.98 8.59
N ASN A 159 11.65 14.22 8.85
CA ASN A 159 11.05 13.82 10.10
C ASN A 159 9.85 12.97 9.76
N GLN A 160 9.37 12.19 10.72
CA GLN A 160 8.23 11.32 10.47
C GLN A 160 7.15 11.59 11.52
N PHE A 161 5.98 12.03 11.07
CA PHE A 161 4.85 12.31 11.96
C PHE A 161 4.02 11.05 12.19
N VAL A 162 3.72 10.75 13.45
CA VAL A 162 2.91 9.57 13.77
C VAL A 162 1.72 10.05 14.58
N SER A 163 0.58 9.40 14.38
CA SER A 163 -0.64 9.78 15.05
C SER A 163 -1.45 8.51 15.32
N MET A 164 -2.23 8.50 16.40
CA MET A 164 -3.06 7.34 16.69
C MET A 164 -4.31 7.80 17.42
N GLY A 165 -5.39 7.05 17.23
CA GLY A 165 -6.63 7.42 17.88
C GLY A 165 -7.75 6.42 17.63
N ILE A 166 -8.98 6.91 17.79
CA ILE A 166 -10.15 6.07 17.62
C ILE A 166 -11.19 6.74 16.73
N ILE A 167 -12.26 6.01 16.43
CA ILE A 167 -13.34 6.54 15.60
C ILE A 167 -14.59 6.65 16.45
N GLU A 168 -15.29 7.77 16.34
CA GLU A 168 -16.52 7.97 17.08
C GLU A 168 -17.51 8.72 16.22
N PRO A 169 -18.82 8.47 16.41
CA PRO A 169 -19.87 9.14 15.64
C PRO A 169 -20.12 10.59 16.00
N THR A 170 -20.48 11.39 15.00
CA THR A 170 -20.79 12.80 15.21
C THR A 170 -22.30 12.92 15.21
N SER A 171 -22.82 14.07 15.62
CA SER A 171 -24.27 14.25 15.66
C SER A 171 -24.93 14.11 14.28
N ALA A 172 -24.13 14.22 13.22
CA ALA A 172 -24.66 14.10 11.86
C ALA A 172 -24.68 12.63 11.44
N GLY A 173 -24.11 11.79 12.29
CA GLY A 173 -24.11 10.37 12.00
C GLY A 173 -22.80 9.82 11.45
N PHE A 174 -22.01 10.64 10.77
CA PHE A 174 -20.77 10.11 10.24
C PHE A 174 -19.57 10.20 11.18
N PRO A 175 -18.52 9.43 10.90
CA PRO A 175 -17.29 9.36 11.70
C PRO A 175 -16.45 10.59 11.90
N PHE A 176 -15.74 10.57 13.02
CA PHE A 176 -14.80 11.60 13.40
C PHE A 176 -13.61 10.81 13.90
N PHE A 177 -12.46 10.96 13.25
CA PHE A 177 -11.26 10.27 13.69
C PHE A 177 -10.63 11.10 14.78
N ARG A 178 -10.84 10.65 16.02
CA ARG A 178 -10.33 11.33 17.19
C ARG A 178 -8.89 10.96 17.51
N THR A 179 -7.99 11.92 17.38
CA THR A 179 -6.58 11.70 17.68
C THR A 179 -6.39 11.70 19.19
N LEU A 180 -5.78 10.65 19.72
CA LEU A 180 -5.54 10.55 21.16
C LEU A 180 -4.05 10.68 21.52
N LYS A 181 -3.20 10.69 20.50
CA LYS A 181 -1.77 10.83 20.71
C LYS A 181 -1.08 11.19 19.41
N THR A 182 -0.09 12.04 19.51
CA THR A 182 0.68 12.51 18.37
C THR A 182 2.16 12.32 18.71
N LEU A 183 2.98 12.05 17.70
CA LEU A 183 4.42 11.88 17.89
C LEU A 183 5.12 12.44 16.67
N TYR A 184 6.28 13.02 16.87
CA TYR A 184 7.05 13.57 15.76
C TYR A 184 8.48 13.10 15.92
N LEU A 185 8.84 12.08 15.16
CA LEU A 185 10.18 11.52 15.20
C LEU A 185 11.10 12.48 14.43
N SER A 186 11.82 13.30 15.19
CA SER A 186 12.72 14.29 14.63
C SER A 186 14.02 14.19 15.42
N ASP A 187 15.02 13.51 14.88
CA ASP A 187 16.27 13.32 15.59
C ASP A 187 17.49 13.09 14.70
N GLY A 188 17.36 13.38 13.41
CA GLY A 188 18.49 13.18 12.51
C GLY A 188 18.53 11.85 11.78
N VAL A 189 17.70 10.89 12.19
CA VAL A 189 17.68 9.61 11.49
C VAL A 189 16.69 9.77 10.33
N ASN A 190 17.19 9.62 9.11
CA ASN A 190 16.35 9.79 7.94
C ASN A 190 15.49 8.56 7.63
N ARG A 191 14.41 8.41 8.40
CA ARG A 191 13.47 7.30 8.27
C ARG A 191 12.55 7.56 7.07
N LYS A 192 12.59 6.65 6.10
CA LYS A 192 11.79 6.78 4.88
C LYS A 192 10.94 5.57 4.53
N SER A 193 10.08 5.77 3.54
CA SER A 193 9.20 4.72 3.03
C SER A 193 8.57 3.91 4.15
N CYS A 194 8.22 4.58 5.24
CA CYS A 194 7.64 3.88 6.39
C CYS A 194 6.24 3.30 6.19
N SER A 195 6.06 2.09 6.73
CA SER A 195 4.76 1.43 6.70
C SER A 195 4.38 1.34 8.17
N ILE A 196 3.11 1.52 8.48
CA ILE A 196 2.70 1.44 9.87
C ILE A 196 1.60 0.41 10.03
N SER A 197 1.51 -0.16 11.22
CA SER A 197 0.50 -1.14 11.53
C SER A 197 0.04 -1.05 12.96
N THR A 198 -1.24 -1.31 13.14
CA THR A 198 -1.86 -1.31 14.44
C THR A 198 -1.37 -2.58 15.14
N VAL A 199 -1.19 -2.50 16.47
CA VAL A 199 -0.80 -3.64 17.28
C VAL A 199 -1.53 -3.47 18.60
N PRO A 200 -1.74 -4.56 19.36
CA PRO A 200 -2.44 -4.40 20.62
C PRO A 200 -1.74 -3.33 21.48
N GLY A 201 -2.48 -2.29 21.85
CA GLY A 201 -1.93 -1.23 22.67
C GLY A 201 -1.07 -0.16 22.00
N GLY A 202 -1.03 -0.15 20.67
CA GLY A 202 -0.23 0.86 20.01
C GLY A 202 -0.07 0.71 18.51
N CYS A 203 1.11 1.10 18.01
CA CYS A 203 1.41 1.05 16.59
C CYS A 203 2.83 0.55 16.42
N MET A 204 3.06 -0.23 15.36
CA MET A 204 4.39 -0.69 15.06
C MET A 204 4.70 -0.10 13.70
N MET A 205 5.83 0.59 13.58
CA MET A 205 6.19 1.19 12.31
C MET A 205 7.50 0.66 11.80
N TYR A 206 7.57 0.39 10.51
CA TYR A 206 8.77 -0.13 9.88
C TYR A 206 9.28 0.86 8.83
N CYS A 207 10.53 1.27 8.99
CA CYS A 207 11.16 2.22 8.07
C CYS A 207 12.56 1.75 7.73
N PHE A 208 13.18 2.43 6.78
CA PHE A 208 14.56 2.14 6.40
C PHE A 208 15.20 3.51 6.49
N VAL A 209 16.51 3.55 6.73
CA VAL A 209 17.22 4.82 6.84
C VAL A 209 17.93 5.21 5.55
N SER A 210 17.43 6.26 4.91
CA SER A 210 18.00 6.74 3.65
C SER A 210 19.20 7.64 3.88
N THR A 211 20.27 7.42 3.12
CA THR A 211 21.48 8.23 3.25
C THR A 211 22.03 8.59 1.88
N GLN A 212 21.28 8.29 0.83
CA GLN A 212 21.73 8.56 -0.53
C GLN A 212 20.55 8.39 -1.49
N PRO A 213 20.67 8.89 -2.73
CA PRO A 213 19.58 8.75 -3.69
C PRO A 213 19.18 7.28 -3.82
N GLU A 214 17.89 7.05 -4.07
CA GLU A 214 17.37 5.70 -4.20
C GLU A 214 18.15 4.82 -5.15
N ARG A 215 18.48 5.36 -6.33
CA ARG A 215 19.20 4.59 -7.32
C ARG A 215 20.52 4.07 -6.75
N ASP A 216 21.19 4.89 -5.95
CA ASP A 216 22.46 4.50 -5.34
C ASP A 216 22.28 3.29 -4.44
N ASP A 217 21.12 3.18 -3.81
CA ASP A 217 20.85 2.04 -2.93
C ASP A 217 20.91 0.74 -3.72
N TYR A 218 20.43 0.76 -4.95
CA TYR A 218 20.45 -0.47 -5.74
C TYR A 218 21.86 -0.88 -6.20
N PHE A 219 22.72 0.11 -6.46
CA PHE A 219 24.08 -0.19 -6.89
C PHE A 219 24.98 -0.68 -5.76
N SER A 220 24.84 -0.08 -4.57
CA SER A 220 25.65 -0.52 -3.44
C SER A 220 25.22 -1.93 -3.03
N ALA A 221 26.18 -2.80 -2.78
CA ALA A 221 25.86 -4.18 -2.41
C ALA A 221 25.33 -4.28 -0.98
N ALA A 222 25.59 -3.25 -0.18
CA ALA A 222 25.13 -3.23 1.20
C ALA A 222 23.75 -2.60 1.28
N PRO A 223 22.82 -3.22 2.00
CA PRO A 223 21.46 -2.71 2.14
C PRO A 223 21.37 -1.61 3.19
N PRO A 224 20.36 -0.72 3.07
CA PRO A 224 20.19 0.37 4.02
C PRO A 224 19.83 -0.20 5.39
N GLU A 225 20.02 0.60 6.43
CA GLU A 225 19.69 0.16 7.77
C GLU A 225 18.16 0.03 7.87
N GLN A 226 17.70 -1.03 8.54
CA GLN A 226 16.27 -1.26 8.70
C GLN A 226 15.87 -1.05 10.16
N ARG A 227 14.74 -0.40 10.38
CA ARG A 227 14.28 -0.14 11.74
C ARG A 227 12.79 -0.35 11.96
N ILE A 228 12.44 -0.90 13.12
CA ILE A 228 11.04 -1.05 13.44
C ILE A 228 10.84 -0.35 14.78
N ILE A 229 9.89 0.58 14.82
CA ILE A 229 9.60 1.36 16.02
C ILE A 229 8.22 0.99 16.57
N ILE A 230 8.16 0.65 17.85
CA ILE A 230 6.89 0.32 18.48
C ILE A 230 6.54 1.50 19.39
N MET A 231 5.34 2.03 19.19
CA MET A 231 4.88 3.17 19.96
C MET A 231 3.59 2.78 20.67
N TYR A 232 3.68 2.59 21.99
CA TYR A 232 2.52 2.20 22.77
C TYR A 232 1.70 3.40 23.17
N TYR A 233 0.41 3.18 23.34
CA TYR A 233 -0.52 4.23 23.72
C TYR A 233 -0.16 4.83 25.08
N ASN A 234 0.63 4.09 25.86
CA ASN A 234 1.08 4.54 27.17
C ASN A 234 2.38 5.35 27.08
N ASP A 235 2.67 5.84 25.87
CA ASP A 235 3.84 6.65 25.58
C ASP A 235 5.23 6.03 25.65
N THR A 236 5.31 4.71 25.81
CA THR A 236 6.60 4.05 25.80
C THR A 236 6.96 3.89 24.33
N ILE A 237 8.22 4.13 23.97
CA ILE A 237 8.68 4.00 22.60
C ILE A 237 9.93 3.14 22.56
N VAL A 238 9.91 2.12 21.71
CA VAL A 238 11.04 1.22 21.57
C VAL A 238 11.41 1.09 20.10
N GLU A 239 12.58 1.57 19.74
CA GLU A 239 13.04 1.47 18.36
C GLU A 239 14.18 0.46 18.29
N ARG A 240 14.16 -0.38 17.27
CA ARG A 240 15.20 -1.39 17.09
C ARG A 240 15.72 -1.45 15.66
N ILE A 241 17.02 -1.68 15.54
CA ILE A 241 17.65 -1.84 14.24
C ILE A 241 17.56 -3.34 14.02
N ILE A 242 16.91 -3.75 12.93
CA ILE A 242 16.78 -5.18 12.68
C ILE A 242 17.67 -5.68 11.57
N ASN A 243 18.06 -6.95 11.70
CA ASN A 243 18.91 -7.61 10.74
C ASN A 243 18.31 -8.98 10.51
N PRO A 244 17.25 -9.05 9.70
CA PRO A 244 16.64 -10.35 9.44
C PRO A 244 17.57 -11.19 8.58
N PRO A 245 17.55 -12.51 8.74
CA PRO A 245 18.42 -13.38 7.96
C PRO A 245 18.07 -13.31 6.46
N GLY A 246 19.04 -13.61 5.61
CA GLY A 246 18.79 -13.61 4.18
C GLY A 246 18.69 -12.24 3.54
N VAL A 247 19.18 -11.21 4.23
CA VAL A 247 19.13 -9.86 3.68
C VAL A 247 20.51 -9.42 3.25
N LEU A 248 21.48 -9.53 4.16
CA LEU A 248 22.85 -9.14 3.85
C LEU A 248 23.40 -10.03 2.74
N ASP A 249 23.94 -9.41 1.70
CA ASP A 249 24.52 -10.11 0.56
C ASP A 249 23.50 -10.80 -0.34
N VAL A 250 22.22 -10.46 -0.15
CA VAL A 250 21.16 -11.01 -0.97
C VAL A 250 20.41 -9.82 -1.57
N TRP A 251 19.95 -8.93 -0.70
CA TRP A 251 19.23 -7.73 -1.14
C TRP A 251 20.15 -6.51 -1.14
N ALA A 252 20.30 -5.86 -2.29
CA ALA A 252 21.13 -4.66 -2.37
C ALA A 252 20.36 -3.57 -1.64
N THR A 253 19.03 -3.63 -1.69
CA THR A 253 18.19 -2.66 -0.98
C THR A 253 16.94 -3.37 -0.50
N LEU A 254 16.31 -2.77 0.50
CA LEU A 254 15.08 -3.31 1.08
C LEU A 254 14.30 -2.12 1.63
N ASN A 255 13.04 -1.99 1.23
CA ASN A 255 12.17 -0.91 1.68
C ASN A 255 10.80 -1.41 2.12
N PRO A 256 10.16 -0.68 3.04
CA PRO A 256 8.83 -1.13 3.45
C PRO A 256 7.96 -0.64 2.28
N GLY A 257 6.83 -1.27 2.01
CA GLY A 257 6.00 -0.86 0.89
C GLY A 257 5.21 0.43 1.10
N THR A 258 5.32 1.01 2.30
CA THR A 258 4.64 2.24 2.71
C THR A 258 3.16 1.99 3.00
N GLY A 259 2.59 0.97 2.37
CA GLY A 259 1.20 0.64 2.64
C GLY A 259 1.18 0.03 4.03
N SER A 260 0.02 0.03 4.67
CA SER A 260 -0.10 -0.51 6.01
C SER A 260 0.31 -1.97 6.15
N GLY A 261 0.77 -2.33 7.34
CA GLY A 261 1.10 -3.70 7.64
C GLY A 261 -0.12 -4.20 8.39
N VAL A 262 -0.10 -5.44 8.87
CA VAL A 262 -1.23 -5.98 9.60
C VAL A 262 -0.76 -6.88 10.74
N TYR A 263 -1.55 -6.97 11.80
CA TYR A 263 -1.24 -7.80 12.94
C TYR A 263 -1.97 -9.13 12.68
N TYR A 264 -1.19 -10.20 12.51
CA TYR A 264 -1.75 -11.49 12.18
C TYR A 264 -1.20 -12.63 13.04
N LEU A 265 -2.08 -13.31 13.76
CA LEU A 265 -1.68 -14.43 14.61
C LEU A 265 -0.44 -14.15 15.44
N GLY A 266 -0.39 -12.98 16.06
CA GLY A 266 0.76 -12.64 16.90
C GLY A 266 1.97 -12.06 16.20
N TRP A 267 1.90 -11.96 14.88
CA TRP A 267 3.00 -11.40 14.10
C TRP A 267 2.55 -10.15 13.39
N VAL A 268 3.47 -9.21 13.18
CA VAL A 268 3.14 -8.00 12.44
C VAL A 268 3.76 -8.20 11.07
N LEU A 269 2.93 -8.15 10.04
CA LEU A 269 3.40 -8.34 8.67
C LEU A 269 3.43 -7.01 7.92
N PHE A 270 4.53 -6.74 7.21
CA PHE A 270 4.65 -5.51 6.44
C PHE A 270 5.00 -5.82 4.99
N PRO A 271 4.48 -5.04 4.05
CA PRO A 271 4.81 -5.31 2.65
C PRO A 271 6.21 -4.75 2.43
N ILE A 272 7.01 -5.42 1.61
CA ILE A 272 8.37 -4.95 1.32
C ILE A 272 8.68 -5.11 -0.16
N TYR A 273 9.78 -4.49 -0.58
CA TYR A 273 10.25 -4.59 -1.94
C TYR A 273 11.68 -4.07 -1.98
N GLY A 274 12.39 -4.42 -3.06
CA GLY A 274 13.78 -3.99 -3.20
C GLY A 274 14.45 -4.70 -4.38
N GLY A 275 15.78 -4.72 -4.36
CA GLY A 275 16.52 -5.36 -5.43
C GLY A 275 17.40 -6.48 -4.93
N VAL A 276 17.30 -7.63 -5.59
CA VAL A 276 18.09 -8.79 -5.22
C VAL A 276 19.33 -8.90 -6.10
N ILE A 277 20.42 -9.37 -5.51
CA ILE A 277 21.70 -9.51 -6.20
C ILE A 277 21.79 -10.76 -7.06
N LYS A 278 22.33 -10.60 -8.27
CA LYS A 278 22.51 -11.69 -9.21
C LYS A 278 23.39 -12.78 -8.62
N GLY A 279 23.03 -14.04 -8.84
CA GLY A 279 23.82 -15.15 -8.32
C GLY A 279 23.44 -15.66 -6.96
N THR A 280 22.55 -14.95 -6.27
CA THR A 280 22.10 -15.36 -4.94
C THR A 280 21.06 -16.48 -5.08
N SER A 281 20.85 -17.22 -4.00
CA SER A 281 19.87 -18.31 -4.01
C SER A 281 18.51 -17.80 -4.45
N LEU A 282 18.09 -16.67 -3.88
CA LEU A 282 16.80 -16.08 -4.21
C LEU A 282 16.74 -15.81 -5.72
N TRP A 283 17.77 -15.18 -6.24
CA TRP A 283 17.83 -14.88 -7.67
C TRP A 283 17.70 -16.17 -8.49
N ASN A 284 18.46 -17.19 -8.12
CA ASN A 284 18.41 -18.46 -8.86
C ASN A 284 17.04 -19.13 -8.75
N ASN A 285 16.47 -19.16 -7.55
CA ASN A 285 15.17 -19.78 -7.37
C ASN A 285 14.06 -19.03 -8.08
N GLN A 286 14.35 -17.80 -8.46
CA GLN A 286 13.36 -16.96 -9.13
C GLN A 286 13.61 -16.95 -10.65
N ALA A 287 14.77 -17.43 -11.07
CA ALA A 287 15.13 -17.46 -12.47
C ALA A 287 14.06 -18.13 -13.36
N ASN A 288 13.75 -17.46 -14.47
CA ASN A 288 12.77 -17.93 -15.45
C ASN A 288 11.32 -17.85 -15.01
N LYS A 289 11.07 -17.24 -13.86
CA LYS A 289 9.69 -17.10 -13.38
C LYS A 289 9.11 -15.77 -13.86
N TYR A 290 7.80 -15.74 -14.03
CA TYR A 290 7.14 -14.53 -14.50
C TYR A 290 5.64 -14.67 -14.22
N PHE A 291 4.94 -13.54 -14.22
CA PHE A 291 3.51 -13.58 -14.01
C PHE A 291 2.80 -12.69 -15.01
N ILE A 292 1.75 -13.24 -15.64
CA ILE A 292 0.97 -12.50 -16.61
C ILE A 292 -0.50 -12.53 -16.19
N PRO A 293 -1.08 -11.38 -15.86
CA PRO A 293 -2.48 -11.30 -15.45
C PRO A 293 -3.44 -11.92 -16.46
N GLN A 294 -4.36 -12.70 -15.93
CA GLN A 294 -5.37 -13.43 -16.68
C GLN A 294 -6.08 -12.67 -17.81
N MET A 295 -6.28 -11.37 -17.64
CA MET A 295 -6.98 -10.58 -18.64
C MET A 295 -6.12 -9.83 -19.64
N VAL A 296 -4.83 -10.13 -19.67
CA VAL A 296 -3.91 -9.49 -20.59
C VAL A 296 -4.02 -10.03 -22.02
N ALA A 297 -4.14 -11.35 -22.15
CA ALA A 297 -4.25 -12.00 -23.45
C ALA A 297 -5.22 -11.29 -24.39
N ALA A 298 -6.46 -11.14 -23.93
CA ALA A 298 -7.49 -10.51 -24.75
C ALA A 298 -7.21 -9.05 -25.09
N LEU A 299 -6.28 -8.43 -24.38
CA LEU A 299 -5.96 -7.02 -24.61
C LEU A 299 -4.58 -6.75 -25.21
N CYS A 300 -3.70 -7.74 -25.16
CA CYS A 300 -2.36 -7.59 -25.68
C CYS A 300 -2.29 -8.09 -27.12
N SER A 301 -1.63 -7.33 -27.99
CA SER A 301 -1.51 -7.69 -29.40
C SER A 301 -0.37 -8.67 -29.68
N GLN A 302 0.52 -8.88 -28.71
CA GLN A 302 1.65 -9.79 -28.87
C GLN A 302 1.20 -11.23 -28.69
N ASN A 303 1.95 -12.18 -29.25
CA ASN A 303 1.58 -13.59 -29.10
C ASN A 303 2.09 -14.11 -27.76
N GLN A 304 1.56 -15.25 -27.35
CA GLN A 304 1.92 -15.87 -26.09
C GLN A 304 3.43 -16.01 -25.85
N ALA A 305 4.16 -16.49 -26.84
CA ALA A 305 5.61 -16.67 -26.70
C ALA A 305 6.36 -15.36 -26.46
N THR A 306 5.94 -14.30 -27.15
CA THR A 306 6.55 -12.98 -27.01
C THR A 306 6.23 -12.35 -25.66
N GLN A 307 5.00 -12.55 -25.20
CA GLN A 307 4.58 -12.02 -23.92
C GLN A 307 5.40 -12.66 -22.81
N VAL A 308 5.53 -13.98 -22.87
CA VAL A 308 6.30 -14.72 -21.87
C VAL A 308 7.75 -14.25 -21.79
N GLN A 309 8.37 -14.03 -22.95
CA GLN A 309 9.75 -13.58 -23.01
C GLN A 309 9.92 -12.20 -22.37
N ASN A 310 9.02 -11.29 -22.71
CA ASN A 310 9.09 -9.94 -22.16
C ASN A 310 8.74 -9.90 -20.68
N ALA A 311 7.81 -10.72 -20.24
CA ALA A 311 7.43 -10.74 -18.84
C ALA A 311 8.62 -11.19 -17.99
N LYS A 312 9.34 -12.21 -18.44
CA LYS A 312 10.50 -12.69 -17.69
C LYS A 312 11.53 -11.59 -17.48
N SER A 313 11.70 -10.73 -18.48
CA SER A 313 12.68 -9.67 -18.40
C SER A 313 12.24 -8.46 -17.57
N SER A 314 10.94 -8.37 -17.28
CA SER A 314 10.41 -7.24 -16.51
C SER A 314 10.80 -7.22 -15.03
N TYR A 315 11.43 -8.30 -14.55
CA TYR A 315 11.83 -8.36 -13.15
C TYR A 315 13.27 -7.91 -12.90
N TYR A 316 13.96 -7.51 -13.96
CA TYR A 316 15.35 -7.08 -13.84
C TYR A 316 15.52 -5.65 -14.34
N SER A 317 16.16 -4.81 -13.53
CA SER A 317 16.35 -3.41 -13.88
C SER A 317 17.81 -3.00 -14.02
N SER A 318 18.21 -2.63 -15.23
CA SER A 318 19.58 -2.21 -15.46
C SER A 318 19.76 -0.80 -14.88
N TRP A 319 18.69 -0.03 -14.86
CA TRP A 319 18.73 1.32 -14.32
C TRP A 319 18.94 1.27 -12.81
N PHE A 320 18.36 0.26 -12.17
CA PHE A 320 18.50 0.09 -10.73
C PHE A 320 19.54 -0.99 -10.40
N GLY A 321 20.80 -0.69 -10.71
CA GLY A 321 21.90 -1.60 -10.43
C GLY A 321 21.85 -3.04 -10.90
N ASN A 322 21.10 -3.32 -11.97
CA ASN A 322 21.00 -4.68 -12.48
C ASN A 322 20.53 -5.66 -11.41
N ARG A 323 19.55 -5.23 -10.63
CA ARG A 323 19.00 -6.08 -9.57
C ARG A 323 17.64 -6.63 -9.98
N MET A 324 17.25 -7.72 -9.34
CA MET A 324 15.94 -8.29 -9.61
C MET A 324 15.02 -7.53 -8.64
N ILE A 325 14.10 -6.73 -9.18
CA ILE A 325 13.19 -5.97 -8.34
C ILE A 325 12.15 -6.94 -7.77
N GLN A 326 12.24 -7.15 -6.47
CA GLN A 326 11.40 -8.12 -5.76
C GLN A 326 10.39 -7.56 -4.76
N SER A 327 9.22 -8.21 -4.70
CA SER A 327 8.16 -7.85 -3.76
C SER A 327 8.14 -8.95 -2.71
N GLY A 328 7.67 -8.61 -1.51
CA GLY A 328 7.62 -9.61 -0.46
C GLY A 328 6.94 -9.12 0.79
N ILE A 329 7.09 -9.90 1.86
CA ILE A 329 6.50 -9.58 3.15
C ILE A 329 7.53 -9.75 4.26
N LEU A 330 7.53 -8.82 5.20
CA LEU A 330 8.43 -8.88 6.33
C LEU A 330 7.57 -9.25 7.53
N ALA A 331 7.88 -10.37 8.16
CA ALA A 331 7.11 -10.83 9.31
C ALA A 331 7.91 -10.62 10.59
N CYS A 332 7.38 -9.83 11.51
CA CYS A 332 8.06 -9.57 12.76
C CYS A 332 7.23 -10.01 13.96
N PRO A 333 7.83 -10.80 14.87
CA PRO A 333 7.07 -11.22 16.03
C PRO A 333 6.94 -10.00 16.93
N LEU A 334 5.79 -9.83 17.57
CA LEU A 334 5.58 -8.67 18.44
C LEU A 334 6.42 -8.78 19.71
N ARG A 335 7.62 -8.20 19.67
CA ARG A 335 8.56 -8.20 20.80
C ARG A 335 9.19 -6.82 20.90
N GLN A 336 9.76 -6.51 22.06
CA GLN A 336 10.40 -5.21 22.27
C GLN A 336 11.91 -5.27 22.17
N ASP A 337 12.43 -6.46 21.89
CA ASP A 337 13.88 -6.67 21.78
C ASP A 337 14.27 -7.28 20.46
N LEU A 338 13.52 -6.94 19.41
CA LEU A 338 13.79 -7.46 18.07
C LEU A 338 15.22 -7.20 17.61
N THR A 339 15.81 -8.23 16.99
CA THR A 339 17.16 -8.14 16.47
C THR A 339 17.17 -8.83 15.10
N ASN A 340 17.08 -10.16 15.12
CA ASN A 340 17.07 -10.92 13.88
C ASN A 340 15.93 -11.94 13.84
N GLU A 341 14.83 -11.62 14.51
CA GLU A 341 13.67 -12.52 14.53
C GLU A 341 12.67 -12.26 13.40
N CYS A 342 12.75 -11.09 12.79
CA CYS A 342 11.84 -10.77 11.69
C CYS A 342 12.27 -11.58 10.48
N LEU A 343 11.31 -12.04 9.70
CA LEU A 343 11.59 -12.87 8.54
C LEU A 343 11.20 -12.24 7.20
N VAL A 344 12.12 -12.29 6.24
CA VAL A 344 11.87 -11.76 4.91
C VAL A 344 11.30 -12.89 4.05
N LEU A 345 10.06 -12.71 3.63
CA LEU A 345 9.37 -13.70 2.82
C LEU A 345 9.05 -13.13 1.45
N PRO A 346 9.84 -13.50 0.43
CA PRO A 346 9.57 -12.97 -0.91
C PRO A 346 8.45 -13.74 -1.61
N PHE A 347 7.73 -13.04 -2.48
CA PHE A 347 6.66 -13.65 -3.25
C PHE A 347 7.32 -14.35 -4.43
N SER A 348 6.71 -15.43 -4.91
CA SER A 348 7.23 -16.14 -6.06
C SER A 348 6.95 -15.23 -7.27
N ASN A 349 7.92 -15.06 -8.14
CA ASN A 349 7.68 -14.21 -9.31
C ASN A 349 6.78 -14.85 -10.35
N ASP A 350 6.25 -16.03 -10.03
CA ASP A 350 5.32 -16.73 -10.90
C ASP A 350 3.90 -16.31 -10.51
N GLN A 351 3.78 -15.58 -9.41
CA GLN A 351 2.45 -15.18 -8.95
C GLN A 351 2.28 -13.68 -8.75
N VAL A 352 3.38 -12.96 -8.87
CA VAL A 352 3.37 -11.52 -8.66
C VAL A 352 4.21 -10.79 -9.70
N LEU A 353 3.90 -9.52 -9.94
CA LEU A 353 4.64 -8.71 -10.90
C LEU A 353 5.92 -8.18 -10.27
N MET A 354 6.67 -7.40 -11.05
CA MET A 354 7.92 -6.82 -10.57
C MET A 354 7.70 -6.14 -9.23
N GLY A 355 8.65 -6.33 -8.32
CA GLY A 355 8.54 -5.73 -6.99
C GLY A 355 8.20 -4.26 -7.02
N ALA A 356 7.41 -3.82 -6.04
CA ALA A 356 6.99 -2.42 -5.94
C ALA A 356 6.45 -2.15 -4.55
N GLU A 357 6.00 -0.92 -4.32
CA GLU A 357 5.43 -0.58 -3.03
C GLU A 357 4.18 -1.43 -2.92
N GLY A 358 3.59 -1.51 -1.73
CA GLY A 358 2.41 -2.31 -1.56
C GLY A 358 1.76 -2.11 -0.22
N ARG A 359 0.72 -2.90 0.03
CA ARG A 359 -0.01 -2.81 1.27
C ARG A 359 -0.66 -4.15 1.62
N LEU A 360 -0.80 -4.43 2.91
CA LEU A 360 -1.41 -5.66 3.38
C LEU A 360 -2.73 -5.35 4.04
N TYR A 361 -3.70 -6.24 3.86
CA TYR A 361 -5.02 -6.07 4.42
C TYR A 361 -5.48 -7.32 5.11
N MET A 362 -6.54 -7.15 5.89
CA MET A 362 -7.13 -8.26 6.60
C MET A 362 -8.64 -8.19 6.32
N TYR A 363 -9.17 -9.26 5.74
CA TYR A 363 -10.60 -9.35 5.48
C TYR A 363 -10.95 -10.62 6.21
N GLY A 364 -11.52 -10.48 7.40
CA GLY A 364 -11.85 -11.65 8.19
C GLY A 364 -10.52 -12.27 8.60
N ASP A 365 -10.34 -13.56 8.32
CA ASP A 365 -9.10 -14.24 8.69
C ASP A 365 -8.14 -14.32 7.51
N SER A 366 -8.52 -13.72 6.39
CA SER A 366 -7.69 -13.74 5.19
C SER A 366 -6.82 -12.51 4.99
N VAL A 367 -5.57 -12.75 4.61
CA VAL A 367 -4.63 -11.67 4.35
C VAL A 367 -4.64 -11.34 2.87
N TYR A 368 -4.67 -10.06 2.53
CA TYR A 368 -4.65 -9.66 1.14
C TYR A 368 -3.48 -8.71 0.93
N TYR A 369 -3.01 -8.63 -0.31
CA TYR A 369 -1.88 -7.78 -0.66
C TYR A 369 -2.18 -6.92 -1.87
N TYR A 370 -1.81 -5.65 -1.79
CA TYR A 370 -1.98 -4.76 -2.92
C TYR A 370 -0.57 -4.47 -3.41
N GLN A 371 -0.35 -4.61 -4.71
CA GLN A 371 0.96 -4.35 -5.27
C GLN A 371 0.91 -3.20 -6.26
N ARG A 372 1.65 -2.14 -5.96
CA ARG A 372 1.70 -1.01 -6.87
C ARG A 372 2.13 -1.52 -8.24
N SER A 373 1.53 -0.96 -9.28
CA SER A 373 1.85 -1.32 -10.65
C SER A 373 2.95 -0.40 -11.15
N ASN A 374 4.19 -0.78 -10.87
CA ASN A 374 5.33 0.01 -11.27
C ASN A 374 6.00 -0.65 -12.47
N SER A 375 5.34 -1.67 -13.02
CA SER A 375 5.85 -2.42 -14.16
C SER A 375 4.97 -2.16 -15.39
N TRP A 376 4.91 -3.13 -16.30
CA TRP A 376 4.14 -2.99 -17.54
C TRP A 376 2.62 -2.98 -17.45
N TRP A 377 2.05 -3.80 -16.56
CA TRP A 377 0.60 -3.86 -16.41
C TRP A 377 0.16 -2.70 -15.53
N PRO A 378 -0.59 -1.74 -16.11
CA PRO A 378 -1.07 -0.55 -15.39
C PRO A 378 -2.34 -0.67 -14.53
N MET A 379 -2.88 -1.88 -14.40
CA MET A 379 -4.11 -2.05 -13.63
C MET A 379 -3.90 -2.49 -12.18
N THR A 380 -4.89 -2.17 -11.34
CA THR A 380 -4.89 -2.48 -9.92
C THR A 380 -4.59 -3.95 -9.62
N MET A 381 -3.54 -4.19 -8.83
CA MET A 381 -3.17 -5.56 -8.48
C MET A 381 -3.46 -5.94 -7.03
N LEU A 382 -4.41 -6.85 -6.83
CA LEU A 382 -4.78 -7.33 -5.51
C LEU A 382 -4.63 -8.84 -5.47
N TYR A 383 -4.10 -9.38 -4.37
CA TYR A 383 -3.93 -10.82 -4.26
C TYR A 383 -4.33 -11.35 -2.89
N LYS A 384 -4.90 -12.55 -2.87
CA LYS A 384 -5.24 -13.17 -1.60
C LYS A 384 -3.94 -13.89 -1.23
N VAL A 385 -3.44 -13.64 -0.03
CA VAL A 385 -2.20 -14.27 0.40
C VAL A 385 -2.42 -15.42 1.37
N THR A 386 -1.77 -16.54 1.08
CA THR A 386 -1.88 -17.72 1.95
C THR A 386 -0.54 -17.84 2.64
N ILE A 387 -0.56 -17.79 3.96
CA ILE A 387 0.68 -17.86 4.73
C ILE A 387 0.85 -19.21 5.41
N THR A 388 2.01 -19.82 5.20
CA THR A 388 2.31 -21.11 5.78
C THR A 388 3.25 -20.97 6.98
N PHE A 389 2.88 -21.62 8.08
CA PHE A 389 3.71 -21.60 9.28
C PHE A 389 4.39 -22.94 9.51
N THR A 390 5.67 -22.89 9.82
CA THR A 390 6.44 -24.09 10.10
C THR A 390 7.08 -23.88 11.46
N ASN A 391 6.55 -24.55 12.47
CA ASN A 391 7.06 -24.44 13.83
C ASN A 391 6.75 -23.08 14.45
N GLY A 392 5.53 -22.60 14.21
CA GLY A 392 5.12 -21.32 14.75
C GLY A 392 5.72 -20.12 14.06
N GLN A 393 6.41 -20.35 12.94
CA GLN A 393 7.03 -19.28 12.19
C GLN A 393 6.61 -19.23 10.74
N PRO A 394 6.31 -18.03 10.21
CA PRO A 394 5.92 -17.89 8.82
C PRO A 394 7.05 -18.51 7.99
N SER A 395 6.73 -19.44 7.10
CA SER A 395 7.77 -20.08 6.31
C SER A 395 7.64 -19.83 4.81
N ALA A 396 6.44 -19.52 4.35
CA ALA A 396 6.23 -19.26 2.93
C ALA A 396 4.90 -18.58 2.67
N ILE A 397 4.85 -17.81 1.59
CA ILE A 397 3.63 -17.11 1.22
C ILE A 397 3.28 -17.42 -0.24
N SER A 398 1.99 -17.48 -0.52
CA SER A 398 1.50 -17.76 -1.86
C SER A 398 0.47 -16.70 -2.18
N ALA A 399 0.44 -16.22 -3.42
CA ALA A 399 -0.51 -15.18 -3.79
C ALA A 399 -1.41 -15.53 -4.96
N GLN A 400 -2.71 -15.28 -4.81
CA GLN A 400 -3.68 -15.54 -5.85
C GLN A 400 -4.29 -14.21 -6.26
N ASN A 401 -4.05 -13.83 -7.51
CA ASN A 401 -4.50 -12.57 -8.06
C ASN A 401 -5.99 -12.50 -8.36
N VAL A 402 -6.59 -11.34 -8.10
CA VAL A 402 -8.00 -11.10 -8.41
C VAL A 402 -7.91 -10.49 -9.81
N PRO A 403 -8.21 -11.28 -10.84
CA PRO A 403 -8.15 -10.81 -12.23
C PRO A 403 -9.03 -9.62 -12.62
N THR A 404 -8.39 -8.53 -13.02
CA THR A 404 -9.12 -7.33 -13.44
C THR A 404 -8.41 -6.61 -14.58
N GLN A 405 -9.09 -5.62 -15.14
CA GLN A 405 -8.54 -4.80 -16.22
C GLN A 405 -9.05 -3.42 -15.90
N GLN A 406 -9.35 -3.19 -14.63
CA GLN A 406 -9.85 -1.89 -14.22
C GLN A 406 -9.04 -1.09 -13.23
N VAL A 407 -9.14 0.22 -13.48
CA VAL A 407 -8.47 1.27 -12.76
C VAL A 407 -7.00 1.24 -13.08
N PRO A 408 -6.62 2.01 -14.11
CA PRO A 408 -5.24 2.12 -14.57
C PRO A 408 -4.57 3.25 -13.80
N ARG A 409 -3.26 3.36 -13.97
CA ARG A 409 -2.53 4.40 -13.30
C ARG A 409 -1.62 5.08 -14.31
N PRO A 410 -1.33 6.38 -14.11
CA PRO A 410 -0.47 7.09 -15.05
C PRO A 410 0.95 6.54 -15.05
N GLY A 411 1.53 6.45 -16.24
CA GLY A 411 2.88 5.94 -16.38
C GLY A 411 3.62 6.70 -17.45
N THR A 412 4.93 6.47 -17.53
CA THR A 412 5.77 7.14 -18.50
C THR A 412 6.03 6.28 -19.75
N GLY A 413 6.22 6.94 -20.89
CA GLY A 413 6.51 6.26 -22.14
C GLY A 413 5.58 5.16 -22.65
N ASP A 414 6.15 3.98 -22.89
CA ASP A 414 5.37 2.85 -23.39
C ASP A 414 4.75 2.08 -22.23
N CYS A 415 4.67 2.75 -21.07
CA CYS A 415 4.13 2.16 -19.87
C CYS A 415 3.07 3.06 -19.28
N SER A 416 2.28 3.69 -20.13
CA SER A 416 1.25 4.59 -19.64
C SER A 416 0.02 3.77 -19.25
N ALA A 417 -1.07 4.47 -18.94
CA ALA A 417 -2.31 3.81 -18.57
C ALA A 417 -2.89 3.01 -19.74
N THR A 418 -2.44 3.29 -20.95
CA THR A 418 -2.94 2.61 -22.14
C THR A 418 -2.16 1.35 -22.52
N ASN A 419 -1.06 1.07 -21.83
CA ASN A 419 -0.25 -0.11 -22.16
C ASN A 419 -0.93 -1.40 -21.74
N ARG A 420 -0.65 -2.48 -22.47
CA ARG A 420 -1.25 -3.77 -22.18
C ARG A 420 -0.27 -4.90 -22.45
N CYS A 421 0.89 -4.57 -23.00
CA CYS A 421 1.87 -5.57 -23.36
C CYS A 421 3.10 -5.65 -22.46
N PRO A 422 3.49 -6.88 -22.07
CA PRO A 422 4.67 -7.07 -21.24
C PRO A 422 5.92 -6.41 -21.81
N GLY A 423 6.80 -6.01 -20.90
CA GLY A 423 8.04 -5.35 -21.25
C GLY A 423 8.65 -4.85 -19.95
N PHE A 424 9.67 -4.01 -20.02
CA PHE A 424 10.26 -3.50 -18.78
C PHE A 424 9.92 -2.10 -18.40
N CYS A 425 8.98 -1.91 -17.50
CA CYS A 425 8.72 -0.54 -17.12
C CYS A 425 9.13 -0.36 -15.67
N LEU A 426 9.43 0.89 -15.32
CA LEU A 426 9.80 1.26 -13.96
C LEU A 426 9.16 2.62 -13.75
N THR A 427 7.82 2.64 -13.79
CA THR A 427 7.06 3.88 -13.65
C THR A 427 5.65 3.57 -13.14
N GLY A 428 5.03 4.55 -12.49
CA GLY A 428 3.70 4.37 -11.97
C GLY A 428 3.44 5.18 -10.71
N VAL A 429 2.37 4.83 -9.98
CA VAL A 429 2.02 5.52 -8.73
C VAL A 429 1.36 4.54 -7.79
N TYR A 430 1.38 4.88 -6.51
CA TYR A 430 0.74 4.06 -5.50
C TYR A 430 -0.73 4.44 -5.48
N ALA A 431 -1.59 3.45 -5.61
CA ALA A 431 -3.03 3.67 -5.60
C ALA A 431 -3.67 2.35 -5.19
N ASP A 432 -3.79 2.11 -3.89
CA ASP A 432 -4.36 0.85 -3.44
C ASP A 432 -5.87 0.81 -3.63
N ALA A 433 -6.46 -0.34 -3.37
CA ALA A 433 -7.91 -0.49 -3.52
C ALA A 433 -8.46 -1.41 -2.44
N TRP A 434 -9.67 -1.11 -2.00
CA TRP A 434 -10.36 -1.85 -0.96
C TRP A 434 -11.44 -2.72 -1.57
N LEU A 435 -11.44 -4.01 -1.23
CA LEU A 435 -12.44 -4.93 -1.75
C LEU A 435 -13.73 -4.87 -0.95
N LEU A 436 -14.79 -4.42 -1.59
CA LEU A 436 -16.10 -4.30 -0.95
C LEU A 436 -16.87 -5.62 -1.01
N THR A 437 -16.35 -6.54 -1.82
CA THR A 437 -16.97 -7.84 -2.02
C THR A 437 -15.93 -8.95 -1.88
N ASN A 438 -16.37 -10.15 -1.49
CA ASN A 438 -15.46 -11.28 -1.31
C ASN A 438 -15.18 -12.02 -2.62
N PRO A 439 -13.92 -12.02 -3.08
CA PRO A 439 -13.54 -12.71 -4.32
C PRO A 439 -13.73 -14.23 -4.26
N SER A 440 -13.73 -14.78 -3.06
CA SER A 440 -13.90 -16.21 -2.85
C SER A 440 -15.36 -16.63 -2.82
N SER A 441 -16.27 -15.67 -2.87
CA SER A 441 -17.70 -15.95 -2.83
C SER A 441 -18.23 -16.42 -4.19
N THR A 442 -17.38 -16.36 -5.21
CA THR A 442 -17.77 -16.79 -6.54
C THR A 442 -17.10 -18.13 -6.84
N SER A 443 -17.80 -18.99 -7.57
CA SER A 443 -17.27 -20.32 -7.90
C SER A 443 -15.84 -20.22 -8.44
N THR A 444 -15.60 -19.21 -9.28
CA THR A 444 -14.27 -18.99 -9.82
C THR A 444 -13.72 -17.75 -9.11
N PHE A 445 -12.69 -17.93 -8.32
CA PHE A 445 -12.08 -16.84 -7.56
C PHE A 445 -11.98 -15.51 -8.31
N GLY A 446 -12.58 -14.47 -7.74
CA GLY A 446 -12.54 -13.16 -8.33
C GLY A 446 -13.26 -12.96 -9.66
N SER A 447 -14.12 -13.90 -10.06
CA SER A 447 -14.84 -13.77 -11.32
C SER A 447 -15.65 -12.47 -11.37
N GLU A 448 -16.19 -12.07 -10.22
CA GLU A 448 -16.96 -10.83 -10.11
C GLU A 448 -16.58 -10.13 -8.80
N ALA A 449 -15.58 -9.26 -8.87
CA ALA A 449 -15.10 -8.55 -7.70
C ALA A 449 -15.35 -7.05 -7.79
N THR A 450 -15.66 -6.45 -6.66
CA THR A 450 -15.93 -5.02 -6.60
C THR A 450 -14.94 -4.37 -5.62
N PHE A 451 -14.36 -3.25 -6.03
CA PHE A 451 -13.42 -2.57 -5.16
C PHE A 451 -13.53 -1.05 -5.29
N THR A 452 -12.95 -0.34 -4.34
CA THR A 452 -13.02 1.11 -4.35
C THR A 452 -11.68 1.73 -3.98
N GLY A 453 -11.46 2.95 -4.45
CA GLY A 453 -10.21 3.64 -4.16
C GLY A 453 -10.15 4.93 -4.94
N SER A 454 -8.95 5.44 -5.12
CA SER A 454 -8.77 6.65 -5.91
C SER A 454 -7.73 6.33 -6.96
N TYR A 455 -7.74 7.08 -8.05
CA TYR A 455 -6.76 6.87 -9.11
C TYR A 455 -6.61 8.17 -9.87
N LEU A 456 -5.45 8.35 -10.49
CA LEU A 456 -5.18 9.55 -11.28
C LEU A 456 -5.63 9.26 -12.69
N ASN A 457 -6.73 9.88 -13.08
CA ASN A 457 -7.31 9.65 -14.40
C ASN A 457 -6.62 10.38 -15.53
N THR A 458 -5.53 9.79 -16.02
CA THR A 458 -4.77 10.36 -17.11
C THR A 458 -3.77 9.28 -17.54
N ALA A 459 -3.22 9.42 -18.74
CA ALA A 459 -2.29 8.41 -19.25
C ALA A 459 -0.88 8.46 -18.68
N THR A 460 -0.29 9.66 -18.63
CA THR A 460 1.08 9.79 -18.15
C THR A 460 1.35 10.80 -17.05
N GLN A 461 0.40 11.69 -16.78
CA GLN A 461 0.60 12.70 -15.75
C GLN A 461 -0.06 12.34 -14.42
N ARG A 462 0.51 12.82 -13.32
CA ARG A 462 -0.07 12.56 -12.01
C ARG A 462 -1.10 13.67 -11.83
N ILE A 463 -2.24 13.49 -12.49
CA ILE A 463 -3.29 14.49 -12.49
C ILE A 463 -4.69 13.90 -12.42
N ASN A 464 -5.67 14.75 -12.11
CA ASN A 464 -7.07 14.36 -12.02
C ASN A 464 -7.41 13.28 -11.01
N PRO A 465 -7.16 13.53 -9.72
CA PRO A 465 -7.48 12.52 -8.70
C PRO A 465 -8.97 12.18 -8.76
N THR A 466 -9.29 10.89 -8.84
CA THR A 466 -10.68 10.48 -8.94
C THR A 466 -11.02 9.30 -8.05
N MET A 467 -12.05 9.48 -7.21
CA MET A 467 -12.48 8.41 -6.32
C MET A 467 -13.51 7.59 -7.09
N TYR A 468 -13.46 6.26 -6.92
CA TYR A 468 -14.34 5.38 -7.65
C TYR A 468 -14.76 4.12 -6.92
N ILE A 469 -15.52 3.31 -7.65
CA ILE A 469 -15.98 1.99 -7.25
C ILE A 469 -15.93 1.30 -8.60
N ALA A 470 -15.36 0.11 -8.64
CA ALA A 470 -15.27 -0.60 -9.91
C ALA A 470 -15.34 -2.09 -9.72
N ASN A 471 -15.61 -2.79 -10.83
CA ASN A 471 -15.64 -4.25 -10.82
C ASN A 471 -14.46 -4.63 -11.71
N ASN A 472 -14.32 -5.90 -12.07
CA ASN A 472 -13.19 -6.37 -12.89
C ASN A 472 -12.97 -5.68 -14.23
N THR A 473 -14.03 -5.18 -14.86
CA THR A 473 -13.91 -4.59 -16.18
C THR A 473 -14.40 -3.17 -16.32
N GLN A 474 -15.19 -2.68 -15.39
CA GLN A 474 -15.69 -1.31 -15.50
C GLN A 474 -15.76 -0.54 -14.19
N ILE A 475 -15.76 0.78 -14.33
CA ILE A 475 -15.88 1.69 -13.21
C ILE A 475 -17.39 1.95 -13.18
N ILE A 476 -18.04 1.54 -12.10
CA ILE A 476 -19.48 1.70 -11.98
C ILE A 476 -19.92 2.93 -11.20
N SER A 477 -18.96 3.72 -10.74
CA SER A 477 -19.24 4.94 -9.98
C SER A 477 -17.94 5.71 -9.74
N SER A 478 -17.95 7.00 -10.03
CA SER A 478 -16.74 7.80 -9.84
C SER A 478 -17.03 9.28 -9.74
N GLN A 479 -16.10 9.99 -9.13
CA GLN A 479 -16.24 11.43 -8.98
C GLN A 479 -14.87 12.04 -8.83
N GLN A 480 -14.49 12.82 -9.83
CA GLN A 480 -13.21 13.50 -9.83
C GLN A 480 -13.22 14.60 -8.78
N PHE A 481 -12.06 14.87 -8.18
CA PHE A 481 -11.98 15.95 -7.21
C PHE A 481 -11.21 17.13 -7.79
N GLY A 482 -11.76 18.32 -7.66
CA GLY A 482 -11.09 19.50 -8.19
C GLY A 482 -11.27 19.60 -9.69
N SER A 483 -10.62 20.58 -10.30
CA SER A 483 -10.74 20.76 -11.74
C SER A 483 -9.62 20.03 -12.48
N SER A 484 -9.87 19.65 -13.73
CA SER A 484 -8.88 18.95 -14.52
C SER A 484 -7.54 19.65 -14.43
N GLY A 485 -6.48 18.86 -14.31
CA GLY A 485 -5.15 19.44 -14.20
C GLY A 485 -4.69 19.42 -12.75
N GLN A 486 -5.62 19.25 -11.81
CA GLN A 486 -5.28 19.19 -10.39
C GLN A 486 -4.27 18.07 -10.15
N GLU A 487 -3.09 18.42 -9.66
CA GLU A 487 -2.05 17.46 -9.38
C GLU A 487 -2.31 16.70 -8.08
N ALA A 488 -1.89 15.43 -8.07
CA ALA A 488 -2.05 14.59 -6.90
C ALA A 488 -1.01 13.50 -7.00
N ALA A 489 -0.96 12.62 -6.01
CA ALA A 489 0.01 11.53 -6.04
C ALA A 489 -0.61 10.24 -5.50
N TYR A 490 -0.11 9.75 -4.37
CA TYR A 490 -0.61 8.51 -3.77
C TYR A 490 -2.03 8.60 -3.22
N GLY A 491 -2.66 7.43 -3.12
CA GLY A 491 -4.00 7.34 -2.59
C GLY A 491 -4.17 6.06 -1.79
N HIS A 492 -4.46 6.20 -0.49
CA HIS A 492 -4.67 5.06 0.41
C HIS A 492 -6.15 5.04 0.80
N THR A 493 -6.83 3.95 0.50
CA THR A 493 -8.24 3.83 0.78
C THR A 493 -8.52 2.78 1.83
N THR A 494 -9.43 3.10 2.75
CA THR A 494 -9.81 2.19 3.83
C THR A 494 -11.30 2.35 4.09
N CYS A 495 -12.02 1.22 4.19
CA CYS A 495 -13.45 1.28 4.44
C CYS A 495 -13.81 0.51 5.71
N PHE A 496 -14.93 0.92 6.31
CA PHE A 496 -15.42 0.28 7.52
C PHE A 496 -16.90 0.58 7.61
N ARG A 497 -17.62 -0.22 8.37
CA ARG A 497 -19.06 -0.04 8.50
C ARG A 497 -19.53 0.41 9.86
N ASP A 498 -20.54 1.27 9.85
CA ASP A 498 -21.16 1.72 11.07
C ASP A 498 -22.24 0.65 11.25
N THR A 499 -22.09 -0.19 12.28
CA THR A 499 -23.05 -1.26 12.54
C THR A 499 -24.29 -0.72 13.22
N GLY A 500 -24.30 0.58 13.49
CA GLY A 500 -25.46 1.19 14.11
C GLY A 500 -26.42 1.67 13.04
N SER A 501 -25.92 2.47 12.11
CA SER A 501 -26.74 3.00 11.02
C SER A 501 -26.72 2.05 9.83
N VAL A 502 -25.81 1.09 9.89
CA VAL A 502 -25.63 0.09 8.84
C VAL A 502 -25.17 0.69 7.52
N MET A 503 -24.25 1.65 7.58
CA MET A 503 -23.73 2.21 6.36
C MET A 503 -22.21 2.09 6.34
N VAL A 504 -21.68 1.97 5.14
CA VAL A 504 -20.26 1.82 4.94
C VAL A 504 -19.63 3.17 4.58
N TYR A 505 -18.52 3.46 5.24
CA TYR A 505 -17.80 4.69 4.97
C TYR A 505 -16.43 4.29 4.49
N CYS A 506 -15.87 5.08 3.59
CA CYS A 506 -14.53 4.80 3.12
C CYS A 506 -13.78 6.11 3.24
N ILE A 507 -12.52 6.00 3.62
CA ILE A 507 -11.68 7.16 3.74
C ILE A 507 -10.67 7.04 2.62
N TYR A 508 -10.51 8.10 1.84
CA TYR A 508 -9.57 8.11 0.74
C TYR A 508 -8.50 9.12 1.07
N ILE A 509 -7.35 8.65 1.52
CA ILE A 509 -6.24 9.51 1.88
C ILE A 509 -5.46 9.81 0.61
N ILE A 510 -5.59 11.03 0.12
CA ILE A 510 -4.95 11.44 -1.13
C ILE A 510 -3.94 12.58 -0.99
N GLU A 511 -2.78 12.43 -1.62
CA GLU A 511 -1.76 13.47 -1.58
C GLU A 511 -2.15 14.48 -2.66
N LEU A 512 -2.66 15.64 -2.26
CA LEU A 512 -3.07 16.65 -3.21
C LEU A 512 -2.06 17.78 -3.31
N SER A 513 -1.79 18.20 -4.54
CA SER A 513 -0.87 19.31 -4.75
C SER A 513 -1.63 20.56 -4.33
N SER A 514 -1.04 21.35 -3.44
CA SER A 514 -1.69 22.57 -2.99
C SER A 514 -0.92 23.80 -3.44
N SER A 515 -1.66 24.89 -3.64
CA SER A 515 -1.07 26.14 -4.10
C SER A 515 -0.85 27.11 -2.95
N LEU A 516 -1.51 26.85 -1.82
CA LEU A 516 -1.41 27.72 -0.65
C LEU A 516 -0.31 27.30 0.32
N LEU A 517 -0.55 26.25 1.11
CA LEU A 517 0.43 25.77 2.07
C LEU A 517 1.03 24.41 1.70
N GLY A 518 2.35 24.34 1.68
CA GLY A 518 3.05 23.10 1.36
C GLY A 518 2.97 22.63 -0.08
N GLN A 519 3.85 21.69 -0.43
CA GLN A 519 3.90 21.11 -1.77
C GLN A 519 2.64 20.27 -1.96
N PHE A 520 2.35 19.48 -0.93
CA PHE A 520 1.18 18.62 -0.95
C PHE A 520 0.39 18.81 0.33
N GLN A 521 -0.90 18.48 0.25
CA GLN A 521 -1.76 18.52 1.41
C GLN A 521 -2.37 17.13 1.37
N ILE A 522 -2.01 16.30 2.34
CA ILE A 522 -2.56 14.95 2.40
C ILE A 522 -3.94 15.07 3.05
N VAL A 523 -4.98 14.77 2.27
CA VAL A 523 -6.34 14.90 2.72
C VAL A 523 -7.07 13.57 2.93
N PRO A 524 -7.72 13.41 4.09
CA PRO A 524 -8.46 12.19 4.37
C PRO A 524 -9.91 12.40 3.95
N PHE A 525 -10.18 12.26 2.66
CA PHE A 525 -11.54 12.42 2.17
C PHE A 525 -12.36 11.28 2.75
N ILE A 526 -13.63 11.54 3.02
CA ILE A 526 -14.49 10.50 3.55
C ILE A 526 -15.89 10.66 2.97
N ARG A 527 -16.50 9.52 2.63
CA ARG A 527 -17.83 9.54 2.09
C ARG A 527 -18.45 8.17 2.26
N GLN A 528 -19.72 8.04 1.95
CA GLN A 528 -20.38 6.76 2.10
C GLN A 528 -20.43 5.98 0.80
N VAL A 529 -20.47 4.66 0.91
CA VAL A 529 -20.61 3.79 -0.25
C VAL A 529 -22.05 3.31 -0.08
N THR A 530 -22.94 3.90 -0.87
CA THR A 530 -24.37 3.61 -0.80
C THR A 530 -24.83 2.40 -1.60
N LEU A 531 -25.69 1.61 -0.98
CA LEU A 531 -26.25 0.44 -1.64
C LEU A 531 -27.57 0.89 -2.25
N SER A 532 -27.62 0.93 -3.58
CA SER A 532 -28.80 1.34 -4.36
C SER A 532 -28.37 2.11 -5.59
C1 NAG B . 3.46 0.27 28.00
C2 NAG B . 4.34 -0.04 29.20
C3 NAG B . 5.39 -1.08 28.83
C4 NAG B . 4.70 -2.35 28.34
C5 NAG B . 3.78 -1.96 27.16
C6 NAG B . 2.98 -3.13 26.62
C7 NAG B . 5.09 1.35 31.00
C8 NAG B . 6.41 0.95 31.62
N2 NAG B . 4.97 1.17 29.69
O3 NAG B . 6.22 -1.36 29.95
O4 NAG B . 5.67 -3.32 27.91
O5 NAG B . 2.82 -0.95 27.56
O6 NAG B . 2.84 -4.16 27.58
O7 NAG B . 4.18 1.79 31.71
C1 NAG B . 6.28 -4.17 28.83
C2 NAG B . 6.33 -5.60 28.27
C3 NAG B . 7.12 -6.53 29.20
C4 NAG B . 8.52 -5.95 29.46
C5 NAG B . 8.38 -4.52 29.98
C6 NAG B . 9.72 -3.84 30.18
C7 NAG B . 4.65 -6.72 26.96
C8 NAG B . 5.02 -8.20 26.82
N2 NAG B . 4.99 -6.12 28.09
O3 NAG B . 7.26 -7.82 28.61
O4 NAG B . 9.21 -6.76 30.40
O5 NAG B . 7.63 -3.69 29.05
O6 NAG B . 9.57 -2.45 30.46
O7 NAG B . 4.06 -6.16 26.04
C1 NAG C . -19.17 -4.45 -14.28
C2 NAG C . -19.62 -5.83 -14.82
C3 NAG C . -20.27 -5.68 -16.20
C4 NAG C . -21.37 -4.62 -16.18
C5 NAG C . -20.79 -3.31 -15.62
C6 NAG C . -21.81 -2.21 -15.49
C7 NAG C . -18.54 -7.93 -14.43
C8 NAG C . -18.91 -9.05 -15.39
N2 NAG C . -18.47 -6.70 -14.91
O3 NAG C . -20.84 -6.91 -16.61
O4 NAG C . -21.86 -4.40 -17.53
O5 NAG C . -20.27 -3.54 -14.29
O6 NAG C . -22.84 -2.58 -14.60
O7 NAG C . -18.33 -8.19 -13.26
C1 NAG C . -23.20 -4.64 -17.75
C2 NAG C . -23.63 -3.90 -19.01
C3 NAG C . -25.09 -4.22 -19.36
C4 NAG C . -25.29 -5.73 -19.46
C5 NAG C . -24.76 -6.42 -18.20
C6 NAG C . -24.78 -7.93 -18.37
C7 NAG C . -22.88 -1.79 -19.81
C8 NAG C . -23.77 -1.31 -20.94
N2 NAG C . -23.46 -2.48 -18.84
O3 NAG C . -25.42 -3.62 -20.60
O4 NAG C . -26.66 -6.03 -19.65
O5 NAG C . -23.38 -6.05 -17.95
O6 NAG C . -25.21 -8.56 -17.17
O7 NAG C . -21.66 -1.54 -19.84
C1 GLC D . 13.46 8.09 -13.77
C2 GLC D . 12.59 9.37 -13.70
C3 GLC D . 12.31 9.77 -12.25
C4 GLC D . 11.62 8.56 -11.60
C5 GLC D . 12.51 7.30 -11.72
C6 GLC D . 11.83 6.06 -11.15
O1 GLC D . 14.69 8.31 -13.11
O2 GLC D . 13.24 10.47 -14.34
O3 GLC D . 11.48 10.94 -12.19
O4 GLC D . 11.56 8.75 -10.19
O5 GLC D . 12.77 7.02 -13.10
O6 GLC D . 11.92 5.93 -9.74
C1 GAL D . 10.32 8.96 -9.59
C2 GAL D . 10.45 8.63 -8.12
C3 GAL D . 9.10 8.86 -7.41
C4 GAL D . 8.70 10.32 -7.65
C5 GAL D . 8.68 10.63 -9.16
C6 GAL D . 8.28 12.08 -9.40
O2 GAL D . 10.80 7.26 -8.03
O3 GAL D . 9.13 8.58 -6.01
O4 GAL D . 9.61 11.18 -6.95
O5 GAL D . 9.94 10.33 -9.74
O6 GAL D . 8.29 12.25 -10.80
C1 SIA D . 6.72 8.21 -5.98
C2 SIA D . 8.07 7.84 -5.32
C3 SIA D . 8.06 8.27 -3.85
C4 SIA D . 8.93 7.40 -2.94
C5 SIA D . 9.92 6.54 -3.70
C6 SIA D . 9.12 5.62 -4.67
C7 SIA D . 9.99 4.75 -5.58
C8 SIA D . 9.15 3.76 -6.37
C9 SIA D . 10.00 2.96 -7.36
C10 SIA D . 12.04 5.77 -2.76
C11 SIA D . 12.70 4.79 -1.83
N5 SIA D . 10.75 5.69 -2.87
O1A SIA D . 6.31 9.39 -5.86
O1B SIA D . 6.05 7.39 -6.60
O4 SIA D . 9.71 8.25 -2.09
O6 SIA D . 8.28 6.44 -5.55
O7 SIA D . 10.64 5.60 -6.49
O8 SIA D . 8.57 2.89 -5.38
O9 SIA D . 11.18 2.40 -6.77
O10 SIA D . 12.77 6.60 -3.34
C1 NAG E . -30.10 -3.29 -6.84
C2 NAG E . -30.83 -4.56 -6.32
C3 NAG E . -31.65 -5.30 -7.41
C4 NAG E . -32.43 -4.31 -8.28
C5 NAG E . -31.43 -3.32 -8.86
C6 NAG E . -32.04 -2.35 -9.87
C7 NAG E . -30.02 -6.09 -4.65
C8 NAG E . -30.38 -7.57 -4.71
N2 NAG E . -29.83 -5.46 -5.80
O3 NAG E . -32.56 -6.20 -6.80
O4 NAG E . -33.08 -5.01 -9.33
O5 NAG E . -30.87 -2.53 -7.79
O6 NAG E . -33.36 -1.98 -9.50
O7 NAG E . -29.90 -5.52 -3.56
CA CA F . 22.52 -1.03 -1.33
#